data_3ZIL
#
_entry.id   3ZIL
#
_cell.length_a   97.402
_cell.length_b   35.207
_cell.length_c   117.381
_cell.angle_alpha   90.00
_cell.angle_beta   101.89
_cell.angle_gamma   90.00
#
_symmetry.space_group_name_H-M   'I 1 2 1'
#
loop_
_entity.id
_entity.type
_entity.pdbx_description
1 polymer AAR187CP
2 polymer AAL182WP
3 water water
#
loop_
_entity_poly.entity_id
_entity_poly.type
_entity_poly.pdbx_seq_one_letter_code
_entity_poly.pdbx_strand_id
1 'polypeptide(L)'
;DEALSRHFNELRTMGETLKYSEDLDFILSDNSMTTPEHRRNNMLRLCLDMMNNEDLCQYIVKYRHREVWEWCFQGTDPKQ
KVTSLLQCFIADKIPLLRHDKRWAMLSLENFILPLATDEVFPKKIAGSRLVKLNYQDLLRKLKFTNTCEYALYIWATYLL
YTEAVYGAVPALARLISRGQLKDWDTACSLLENNIVAAPSGSDIEEYAQAFQTLAGLSREKLTNEGVLKCLIKLTNHTTV
LELSADLLPSLVRSLAMSVQLHQNNIVSSISEIKTNLLILQLGLLLNIVSEATTAASTEELTNFGAVFRSVFVKKPTEMS
FVLQLFLLVYAYSAGAAGVQLPPAEADFLKSELEAFATDVSSYNHNIHTRITRVLETL
;
A
2 'polypeptide(L)' NPYNIVPQGRIVSLTNAQNRERLQLLEE B
#
# COMPACT_ATOMS: atom_id res chain seq x y z
N THR A 17 -19.81 -33.66 -18.18
CA THR A 17 -20.99 -34.57 -18.08
C THR A 17 -22.32 -33.78 -18.05
N LEU A 18 -23.44 -34.51 -18.21
CA LEU A 18 -24.74 -34.12 -17.68
C LEU A 18 -24.62 -34.50 -16.20
N LYS A 19 -25.57 -34.02 -15.39
CA LYS A 19 -25.42 -33.97 -13.94
C LYS A 19 -24.98 -32.51 -13.76
N TYR A 20 -23.71 -32.17 -14.06
CA TYR A 20 -23.26 -30.78 -13.86
C TYR A 20 -24.09 -29.81 -14.69
N SER A 21 -24.38 -30.20 -15.92
CA SER A 21 -25.09 -29.38 -16.85
C SER A 21 -26.53 -29.12 -16.42
N GLU A 22 -27.17 -30.15 -15.89
CA GLU A 22 -28.55 -30.02 -15.44
C GLU A 22 -28.59 -29.31 -14.09
N ASP A 23 -27.64 -29.63 -13.22
CA ASP A 23 -27.46 -28.91 -11.96
C ASP A 23 -27.35 -27.41 -12.20
N LEU A 24 -26.63 -27.02 -13.25
CA LEU A 24 -26.31 -25.61 -13.48
C LEU A 24 -27.45 -24.85 -14.07
N ASP A 25 -28.18 -25.51 -14.97
CA ASP A 25 -29.45 -24.97 -15.47
C ASP A 25 -30.37 -24.66 -14.30
N PHE A 26 -30.36 -25.53 -13.31
CA PHE A 26 -31.23 -25.31 -12.21
C PHE A 26 -30.76 -24.12 -11.37
N ILE A 27 -29.51 -24.16 -10.94
CA ILE A 27 -29.00 -23.20 -9.95
C ILE A 27 -28.89 -21.81 -10.58
N LEU A 28 -28.68 -21.76 -11.88
CA LEU A 28 -28.54 -20.45 -12.53
C LEU A 28 -29.91 -19.90 -12.91
N SER A 29 -30.75 -19.68 -11.90
CA SER A 29 -32.15 -19.25 -12.15
C SER A 29 -32.16 -17.77 -12.57
N ASP A 30 -32.93 -17.42 -13.59
CA ASP A 30 -33.21 -16.02 -14.03
C ASP A 30 -33.36 -14.98 -12.90
N ASN A 31 -32.33 -14.14 -12.68
CA ASN A 31 -32.30 -13.19 -11.57
C ASN A 31 -33.42 -12.15 -11.67
N SER A 32 -34.02 -11.99 -12.85
CA SER A 32 -35.10 -10.99 -13.01
C SER A 32 -36.46 -11.62 -12.60
N MET A 33 -36.45 -12.93 -12.39
CA MET A 33 -37.62 -13.69 -11.97
C MET A 33 -37.55 -14.17 -10.50
N THR A 34 -36.45 -13.91 -9.76
CA THR A 34 -36.29 -14.34 -8.35
C THR A 34 -36.15 -13.17 -7.34
N THR A 35 -36.34 -13.46 -6.06
CA THR A 35 -36.23 -12.46 -4.95
C THR A 35 -34.74 -12.46 -4.61
N PRO A 36 -34.24 -11.43 -3.91
CA PRO A 36 -32.80 -11.49 -3.66
C PRO A 36 -32.39 -12.64 -2.69
N GLU A 37 -33.28 -13.06 -1.80
CA GLU A 37 -33.00 -14.18 -0.88
C GLU A 37 -32.79 -15.51 -1.65
N HIS A 38 -33.67 -15.78 -2.63
CA HIS A 38 -33.61 -17.00 -3.42
C HIS A 38 -32.33 -16.97 -4.24
N ARG A 39 -32.07 -15.84 -4.88
CA ARG A 39 -30.80 -15.66 -5.62
C ARG A 39 -29.63 -15.99 -4.69
N ARG A 40 -29.61 -15.28 -3.56
CA ARG A 40 -28.55 -15.51 -2.57
C ARG A 40 -28.41 -17.01 -2.20
N ASN A 41 -29.55 -17.70 -2.08
CA ASN A 41 -29.56 -19.08 -1.66
C ASN A 41 -29.01 -20.02 -2.73
N ASN A 42 -29.37 -19.76 -3.99
CA ASN A 42 -28.78 -20.52 -5.07
C ASN A 42 -27.28 -20.23 -5.10
N MET A 43 -26.89 -18.98 -4.89
CA MET A 43 -25.40 -18.65 -5.03
C MET A 43 -24.66 -19.41 -3.90
N LEU A 44 -25.27 -19.43 -2.73
CA LEU A 44 -24.68 -20.17 -1.61
C LEU A 44 -24.43 -21.64 -1.90
N ARG A 45 -25.46 -22.26 -2.45
CA ARG A 45 -25.43 -23.63 -2.77
C ARG A 45 -24.40 -23.88 -3.89
N LEU A 46 -24.27 -22.93 -4.83
CA LEU A 46 -23.26 -23.06 -5.88
C LEU A 46 -21.79 -23.02 -5.35
N CYS A 47 -21.55 -22.05 -4.46
CA CYS A 47 -20.22 -21.81 -3.88
C CYS A 47 -19.87 -23.08 -3.11
N LEU A 48 -20.84 -23.58 -2.38
CA LEU A 48 -20.56 -24.74 -1.49
C LEU A 48 -20.24 -26.04 -2.30
N ASP A 49 -20.98 -26.28 -3.38
CA ASP A 49 -20.64 -27.33 -4.37
C ASP A 49 -19.23 -27.15 -4.96
N MET A 50 -18.91 -25.93 -5.36
CA MET A 50 -17.63 -25.64 -6.03
C MET A 50 -16.53 -25.83 -5.04
N MET A 51 -16.72 -25.31 -3.84
CA MET A 51 -15.79 -25.53 -2.71
C MET A 51 -15.61 -27.04 -2.47
N ASN A 52 -16.69 -27.85 -2.62
CA ASN A 52 -16.59 -29.28 -2.35
C ASN A 52 -16.17 -30.15 -3.57
N ASN A 53 -16.16 -29.59 -4.78
CA ASN A 53 -16.05 -30.41 -5.97
C ASN A 53 -15.23 -29.69 -7.07
N GLU A 54 -13.93 -30.00 -7.11
CA GLU A 54 -12.97 -29.42 -8.05
C GLU A 54 -13.42 -29.78 -9.48
N ASP A 55 -14.04 -30.94 -9.62
CA ASP A 55 -14.52 -31.40 -10.94
C ASP A 55 -15.64 -30.47 -11.48
N LEU A 56 -16.53 -30.03 -10.61
CA LEU A 56 -17.59 -29.06 -11.01
C LEU A 56 -16.91 -27.74 -11.45
N CYS A 57 -15.89 -27.33 -10.70
CA CYS A 57 -15.14 -26.14 -11.03
C CYS A 57 -14.48 -26.23 -12.41
N GLN A 58 -13.87 -27.35 -12.74
CA GLN A 58 -13.21 -27.56 -14.03
C GLN A 58 -14.24 -27.50 -15.15
N TYR A 59 -15.35 -28.19 -14.93
CA TYR A 59 -16.49 -28.15 -15.82
C TYR A 59 -16.94 -26.71 -16.13
N ILE A 60 -17.28 -25.94 -15.10
CA ILE A 60 -17.64 -24.51 -15.27
C ILE A 60 -16.61 -23.79 -16.13
N VAL A 61 -15.35 -23.99 -15.80
CA VAL A 61 -14.37 -23.09 -16.42
C VAL A 61 -14.23 -23.51 -17.88
N LYS A 62 -14.28 -24.83 -18.16
CA LYS A 62 -14.12 -25.26 -19.58
C LYS A 62 -15.27 -24.95 -20.46
N TYR A 63 -16.47 -25.00 -19.91
CA TYR A 63 -17.65 -25.07 -20.73
C TYR A 63 -18.71 -24.06 -20.43
N ARG A 64 -18.80 -23.59 -19.18
CA ARG A 64 -19.85 -22.62 -18.88
C ARG A 64 -19.38 -21.36 -18.15
N HIS A 65 -18.12 -20.97 -18.34
CA HIS A 65 -17.55 -19.93 -17.56
C HIS A 65 -18.30 -18.60 -17.75
N ARG A 66 -18.56 -18.20 -18.98
CA ARG A 66 -19.26 -16.93 -19.18
C ARG A 66 -20.68 -16.91 -18.62
N GLU A 67 -21.44 -17.99 -18.72
CA GLU A 67 -22.82 -17.93 -18.23
C GLU A 67 -22.80 -17.89 -16.66
N VAL A 68 -21.93 -18.72 -16.04
CA VAL A 68 -21.88 -18.73 -14.57
C VAL A 68 -21.45 -17.31 -14.05
N TRP A 69 -20.47 -16.68 -14.73
CA TRP A 69 -19.94 -15.40 -14.31
C TRP A 69 -20.99 -14.33 -14.46
N GLU A 70 -21.68 -14.29 -15.61
CA GLU A 70 -22.68 -13.22 -15.82
C GLU A 70 -23.85 -13.40 -14.85
N TRP A 71 -24.16 -14.65 -14.53
CA TRP A 71 -25.16 -14.95 -13.52
C TRP A 71 -24.72 -14.46 -12.16
N CYS A 72 -23.50 -14.82 -11.70
CA CYS A 72 -23.07 -14.38 -10.38
C CYS A 72 -22.99 -12.84 -10.28
N PHE A 73 -22.58 -12.18 -11.35
CA PHE A 73 -22.24 -10.72 -11.20
C PHE A 73 -23.25 -9.85 -11.86
N GLN A 74 -24.43 -10.41 -12.12
CA GLN A 74 -25.50 -9.63 -12.82
C GLN A 74 -25.91 -8.39 -11.97
N GLY A 75 -26.02 -8.59 -10.68
CA GLY A 75 -26.26 -7.51 -9.73
C GLY A 75 -25.14 -7.57 -8.68
N THR A 76 -24.62 -6.40 -8.34
CA THR A 76 -23.62 -6.30 -7.26
C THR A 76 -24.13 -5.14 -6.41
N ASP A 77 -24.04 -5.28 -5.11
CA ASP A 77 -24.42 -4.20 -4.20
C ASP A 77 -23.57 -4.39 -2.95
N PRO A 78 -22.68 -3.41 -2.64
CA PRO A 78 -21.87 -3.56 -1.44
C PRO A 78 -22.64 -3.57 -0.12
N LYS A 79 -23.91 -3.17 -0.14
CA LYS A 79 -24.75 -3.24 1.06
C LYS A 79 -25.25 -4.67 1.32
N GLN A 80 -25.19 -5.56 0.33
CA GLN A 80 -25.67 -6.93 0.58
C GLN A 80 -24.45 -7.73 0.91
N LYS A 81 -24.18 -7.87 2.20
CA LYS A 81 -22.84 -8.36 2.58
C LYS A 81 -22.64 -9.84 2.30
N VAL A 82 -23.69 -10.67 2.47
CA VAL A 82 -23.49 -12.10 2.35
C VAL A 82 -23.34 -12.46 0.87
N THR A 83 -24.15 -11.82 0.02
CA THR A 83 -24.08 -12.04 -1.41
C THR A 83 -22.69 -11.61 -1.92
N SER A 84 -22.25 -10.45 -1.44
CA SER A 84 -20.93 -9.86 -1.82
C SER A 84 -19.72 -10.76 -1.47
N LEU A 85 -19.79 -11.37 -0.28
CA LEU A 85 -18.87 -12.39 0.12
C LEU A 85 -18.82 -13.62 -0.81
N LEU A 86 -19.99 -14.17 -1.13
CA LEU A 86 -20.10 -15.25 -2.07
C LEU A 86 -19.50 -14.85 -3.42
N GLN A 87 -19.76 -13.60 -3.86
CA GLN A 87 -19.31 -13.16 -5.15
C GLN A 87 -17.80 -13.03 -5.11
N CYS A 88 -17.23 -12.56 -3.99
CA CYS A 88 -15.73 -12.51 -3.91
C CYS A 88 -15.11 -13.96 -4.01
N PHE A 89 -15.68 -14.97 -3.34
CA PHE A 89 -15.27 -16.38 -3.52
C PHE A 89 -15.30 -16.86 -5.00
N ILE A 90 -16.41 -16.61 -5.73
CA ILE A 90 -16.52 -16.92 -7.13
C ILE A 90 -15.37 -16.29 -7.93
N ALA A 91 -15.15 -14.99 -7.76
CA ALA A 91 -14.07 -14.32 -8.51
C ALA A 91 -12.74 -15.01 -8.23
N ASP A 92 -12.50 -15.29 -6.97
CA ASP A 92 -11.28 -16.01 -6.58
C ASP A 92 -11.24 -17.51 -7.01
N LYS A 93 -12.36 -18.21 -7.09
CA LYS A 93 -12.36 -19.66 -7.30
C LYS A 93 -12.29 -19.93 -8.81
N ILE A 94 -12.89 -19.05 -9.64
CA ILE A 94 -12.90 -19.27 -11.10
C ILE A 94 -12.73 -17.95 -11.74
N PRO A 95 -11.53 -17.39 -11.57
CA PRO A 95 -11.23 -16.08 -12.09
C PRO A 95 -11.25 -16.10 -13.63
N LEU A 96 -11.71 -15.02 -14.26
CA LEU A 96 -11.53 -14.87 -15.72
C LEU A 96 -10.07 -14.52 -16.01
N LEU A 97 -9.63 -14.62 -17.29
CA LEU A 97 -8.29 -14.19 -17.64
C LEU A 97 -8.15 -12.73 -17.30
N ARG A 98 -6.91 -12.26 -17.12
CA ARG A 98 -6.60 -10.88 -16.65
C ARG A 98 -7.26 -9.73 -17.45
N HIS A 99 -7.32 -9.88 -18.76
CA HIS A 99 -7.78 -8.80 -19.63
C HIS A 99 -9.21 -9.01 -20.08
N ASP A 100 -9.88 -10.01 -19.54
CA ASP A 100 -11.29 -10.18 -19.88
C ASP A 100 -12.12 -8.94 -19.41
N LYS A 101 -12.79 -8.27 -20.33
CA LYS A 101 -13.56 -7.12 -19.94
C LYS A 101 -14.72 -7.39 -18.94
N ARG A 102 -15.09 -8.66 -18.75
CA ARG A 102 -16.20 -8.97 -17.87
C ARG A 102 -15.74 -8.86 -16.41
N TRP A 103 -14.45 -8.58 -16.19
CA TRP A 103 -14.02 -8.14 -14.88
C TRP A 103 -14.70 -6.79 -14.50
N ALA A 104 -15.06 -5.96 -15.48
CA ALA A 104 -15.73 -4.67 -15.25
C ALA A 104 -17.11 -4.92 -14.65
N MET A 105 -17.60 -6.16 -14.63
CA MET A 105 -18.90 -6.30 -13.92
C MET A 105 -18.73 -6.15 -12.40
N LEU A 106 -17.47 -6.14 -11.90
CA LEU A 106 -17.19 -5.86 -10.51
C LEU A 106 -16.66 -4.44 -10.40
N SER A 107 -17.54 -3.43 -10.23
CA SER A 107 -17.06 -2.04 -10.37
C SER A 107 -16.06 -1.73 -9.26
N LEU A 108 -14.87 -1.28 -9.62
CA LEU A 108 -13.86 -0.93 -8.64
C LEU A 108 -14.38 0.21 -7.77
N GLU A 109 -14.76 1.28 -8.41
CA GLU A 109 -15.23 2.42 -7.68
C GLU A 109 -16.56 2.20 -6.90
N ASN A 110 -17.51 1.48 -7.49
CA ASN A 110 -18.84 1.36 -6.75
C ASN A 110 -19.10 0.04 -6.00
N PHE A 111 -18.21 -0.96 -6.08
CA PHE A 111 -18.52 -2.27 -5.43
C PHE A 111 -17.29 -2.68 -4.62
N ILE A 112 -16.19 -2.88 -5.33
CA ILE A 112 -14.99 -3.42 -4.72
C ILE A 112 -14.45 -2.43 -3.66
N LEU A 113 -14.25 -1.15 -4.02
CA LEU A 113 -13.66 -0.17 -3.07
C LEU A 113 -14.54 -0.03 -1.82
N PRO A 114 -15.87 0.12 -2.01
CA PRO A 114 -16.71 0.13 -0.81
C PRO A 114 -16.60 -1.09 0.05
N LEU A 115 -16.66 -2.27 -0.56
CA LEU A 115 -16.48 -3.45 0.24
C LEU A 115 -15.10 -3.45 0.92
N ALA A 116 -14.07 -3.12 0.15
CA ALA A 116 -12.66 -3.14 0.75
C ALA A 116 -12.43 -2.33 2.03
N THR A 117 -13.24 -1.26 2.18
CA THR A 117 -13.09 -0.24 3.21
C THR A 117 -14.22 -0.22 4.25
N ASP A 118 -15.05 -1.27 4.29
CA ASP A 118 -16.07 -1.37 5.29
C ASP A 118 -15.87 -2.65 6.14
N GLU A 119 -15.39 -2.49 7.37
CA GLU A 119 -15.08 -3.61 8.27
C GLU A 119 -16.31 -4.29 8.90
N VAL A 120 -17.48 -3.76 8.71
CA VAL A 120 -18.62 -4.33 9.43
C VAL A 120 -19.15 -5.45 8.61
N PHE A 121 -19.21 -6.62 9.20
CA PHE A 121 -19.70 -7.79 8.49
C PHE A 121 -20.72 -8.49 9.39
N PRO A 122 -21.92 -8.85 8.86
CA PRO A 122 -22.87 -9.53 9.78
C PRO A 122 -22.38 -10.89 10.31
N LYS A 123 -22.69 -11.19 11.56
CA LYS A 123 -22.31 -12.47 12.14
C LYS A 123 -23.41 -13.54 11.98
N LYS A 124 -24.64 -13.14 11.62
CA LYS A 124 -25.73 -14.07 11.33
C LYS A 124 -26.25 -13.98 9.85
N ILE A 125 -26.79 -15.08 9.33
CA ILE A 125 -27.48 -15.03 8.05
C ILE A 125 -29.00 -15.19 8.32
N ALA A 126 -29.84 -14.29 7.77
CA ALA A 126 -31.30 -14.49 7.72
C ALA A 126 -31.57 -15.72 6.84
N GLY A 127 -32.18 -16.76 7.37
CA GLY A 127 -32.56 -17.84 6.47
C GLY A 127 -33.07 -19.07 7.15
N SER A 128 -33.50 -20.06 6.38
CA SER A 128 -33.85 -21.35 6.97
C SER A 128 -32.67 -21.93 7.83
N ARG A 129 -32.97 -22.98 8.56
CA ARG A 129 -31.96 -23.70 9.31
C ARG A 129 -30.88 -24.27 8.41
N LEU A 130 -31.30 -24.94 7.35
CA LEU A 130 -30.31 -25.52 6.44
C LEU A 130 -29.40 -24.46 5.75
N VAL A 131 -29.99 -23.27 5.40
CA VAL A 131 -29.30 -22.13 4.81
C VAL A 131 -28.20 -21.73 5.80
N LYS A 132 -28.54 -21.60 7.09
CA LYS A 132 -27.59 -21.17 8.11
C LYS A 132 -26.49 -22.21 8.32
N LEU A 133 -26.87 -23.49 8.37
CA LEU A 133 -25.84 -24.55 8.42
C LEU A 133 -24.95 -24.52 7.22
N ASN A 134 -25.51 -24.35 6.02
CA ASN A 134 -24.71 -24.32 4.78
C ASN A 134 -23.72 -23.16 4.76
N TYR A 135 -24.18 -22.05 5.32
CA TYR A 135 -23.36 -20.83 5.40
C TYR A 135 -22.17 -20.97 6.34
N GLN A 136 -22.43 -21.41 7.59
CA GLN A 136 -21.35 -21.83 8.53
C GLN A 136 -20.35 -22.79 7.91
N ASP A 137 -20.86 -23.78 7.23
CA ASP A 137 -19.98 -24.76 6.62
C ASP A 137 -19.06 -24.08 5.55
N LEU A 138 -19.65 -23.28 4.67
CA LEU A 138 -18.82 -22.48 3.74
C LEU A 138 -17.77 -21.57 4.39
N LEU A 139 -18.21 -20.77 5.37
CA LEU A 139 -17.36 -19.89 6.14
C LEU A 139 -16.12 -20.57 6.73
N ARG A 140 -16.30 -21.72 7.38
CA ARG A 140 -15.16 -22.59 7.79
C ARG A 140 -14.20 -22.94 6.66
N LYS A 141 -14.64 -22.96 5.42
CA LYS A 141 -13.72 -23.25 4.32
C LYS A 141 -13.12 -22.06 3.54
N LEU A 142 -13.69 -20.85 3.67
CA LEU A 142 -13.30 -19.72 2.80
C LEU A 142 -11.94 -19.21 3.23
N LYS A 143 -11.18 -18.74 2.28
CA LYS A 143 -9.95 -18.08 2.56
C LYS A 143 -10.14 -16.86 3.50
N PHE A 144 -11.26 -16.14 3.42
CA PHE A 144 -11.52 -14.93 4.29
C PHE A 144 -13.00 -14.92 4.61
N THR A 145 -13.36 -14.48 5.82
CA THR A 145 -14.74 -14.61 6.24
C THR A 145 -15.50 -13.26 6.29
N ASN A 146 -14.95 -12.26 5.63
CA ASN A 146 -15.63 -11.02 5.55
C ASN A 146 -15.18 -10.37 4.24
N THR A 147 -15.98 -9.43 3.79
CA THR A 147 -15.78 -8.81 2.51
C THR A 147 -14.69 -7.73 2.56
N CYS A 148 -14.42 -7.16 3.71
CA CYS A 148 -13.32 -6.16 3.76
C CYS A 148 -12.04 -6.83 3.28
N GLU A 149 -11.68 -7.93 3.93
CA GLU A 149 -10.46 -8.67 3.56
C GLU A 149 -10.59 -9.37 2.21
N TYR A 150 -11.74 -10.02 1.90
CA TYR A 150 -11.82 -10.69 0.62
C TYR A 150 -11.73 -9.65 -0.57
N ALA A 151 -12.34 -8.47 -0.43
CA ALA A 151 -12.42 -7.51 -1.49
C ALA A 151 -11.06 -6.88 -1.68
N LEU A 152 -10.36 -6.56 -0.59
CA LEU A 152 -8.88 -6.14 -0.71
C LEU A 152 -8.06 -7.20 -1.52
N TYR A 153 -8.24 -8.47 -1.12
CA TYR A 153 -7.56 -9.59 -1.79
C TYR A 153 -7.90 -9.70 -3.28
N ILE A 154 -9.20 -9.67 -3.63
CA ILE A 154 -9.57 -9.74 -5.00
C ILE A 154 -8.94 -8.60 -5.79
N TRP A 155 -9.07 -7.39 -5.24
CA TRP A 155 -8.64 -6.18 -5.88
C TRP A 155 -7.15 -6.21 -6.13
N ALA A 156 -6.36 -6.66 -5.17
CA ALA A 156 -4.91 -6.61 -5.35
C ALA A 156 -4.52 -7.83 -6.17
N THR A 157 -5.33 -8.86 -6.22
CA THR A 157 -4.81 -10.12 -6.86
C THR A 157 -5.16 -10.16 -8.35
N TYR A 158 -6.36 -9.73 -8.68
CA TYR A 158 -6.91 -9.85 -10.04
C TYR A 158 -7.08 -8.48 -10.68
N LEU A 159 -7.09 -7.41 -9.89
CA LEU A 159 -7.50 -6.14 -10.51
C LEU A 159 -6.48 -5.07 -10.27
N LEU A 160 -5.22 -5.45 -10.05
CA LEU A 160 -4.19 -4.42 -9.89
C LEU A 160 -4.07 -3.82 -11.32
N TYR A 161 -4.99 -4.27 -12.21
CA TYR A 161 -5.47 -3.63 -13.47
C TYR A 161 -4.71 -2.38 -13.78
N THR A 162 -5.32 -1.19 -13.89
CA THR A 162 -6.73 -0.80 -13.82
C THR A 162 -6.35 0.66 -13.81
N GLU A 163 -7.20 1.53 -14.31
CA GLU A 163 -6.95 2.95 -14.20
C GLU A 163 -7.00 3.25 -12.67
N ALA A 164 -6.36 4.30 -12.19
CA ALA A 164 -6.56 4.75 -10.79
C ALA A 164 -8.06 4.80 -10.32
N VAL A 165 -8.38 4.34 -9.12
CA VAL A 165 -9.82 4.32 -8.73
C VAL A 165 -10.11 5.62 -7.94
N TYR A 166 -11.12 6.34 -8.36
CA TYR A 166 -11.45 7.61 -7.76
C TYR A 166 -11.83 7.42 -6.28
N GLY A 167 -11.12 8.11 -5.38
CA GLY A 167 -11.49 8.12 -3.94
C GLY A 167 -10.77 7.00 -3.16
N ALA A 168 -10.01 6.16 -3.87
CA ALA A 168 -9.30 4.94 -3.31
C ALA A 168 -8.21 5.31 -2.33
N VAL A 169 -7.41 6.28 -2.73
CA VAL A 169 -6.20 6.58 -1.90
C VAL A 169 -6.59 7.14 -0.47
N PRO A 170 -7.48 8.12 -0.38
CA PRO A 170 -7.85 8.52 0.98
C PRO A 170 -8.69 7.46 1.69
N ALA A 171 -9.55 6.70 0.99
CA ALA A 171 -10.41 5.76 1.69
C ALA A 171 -9.53 4.62 2.26
N LEU A 172 -8.49 4.24 1.54
CA LEU A 172 -7.61 3.18 2.08
C LEU A 172 -6.81 3.64 3.31
N ALA A 173 -6.38 4.91 3.25
CA ALA A 173 -5.61 5.53 4.32
C ALA A 173 -6.55 5.55 5.57
N ARG A 174 -7.80 5.98 5.38
CA ARG A 174 -8.77 5.98 6.50
C ARG A 174 -8.93 4.55 7.08
N LEU A 175 -8.99 3.54 6.21
CA LEU A 175 -9.11 2.13 6.65
C LEU A 175 -7.90 1.71 7.49
N ILE A 176 -6.68 2.05 7.06
CA ILE A 176 -5.49 1.74 7.89
C ILE A 176 -5.57 2.41 9.24
N SER A 177 -6.02 3.68 9.30
CA SER A 177 -5.98 4.46 10.53
C SER A 177 -6.99 3.95 11.55
N ARG A 178 -8.06 3.29 11.09
CA ARG A 178 -9.04 2.71 12.00
C ARG A 178 -8.48 1.43 12.62
N GLY A 179 -7.47 0.83 11.96
CA GLY A 179 -6.63 -0.23 12.57
C GLY A 179 -7.25 -1.59 12.88
N GLN A 180 -8.32 -1.97 12.18
CA GLN A 180 -9.01 -3.20 12.48
C GLN A 180 -8.25 -4.45 12.00
N LEU A 181 -7.52 -4.35 10.90
CA LEU A 181 -6.84 -5.55 10.35
C LEU A 181 -5.48 -5.72 10.99
N LYS A 182 -4.98 -6.96 10.94
CA LYS A 182 -3.68 -7.22 11.55
C LYS A 182 -2.54 -7.13 10.59
N ASP A 183 -2.83 -7.06 9.31
CA ASP A 183 -1.75 -6.94 8.31
C ASP A 183 -2.22 -5.88 7.29
N TRP A 184 -1.38 -4.89 7.05
CA TRP A 184 -1.74 -3.79 6.11
C TRP A 184 -1.10 -3.91 4.75
N ASP A 185 -0.41 -5.03 4.46
CA ASP A 185 0.41 -5.05 3.22
C ASP A 185 -0.40 -4.87 1.93
N THR A 186 -1.53 -5.53 1.89
CA THR A 186 -2.43 -5.41 0.79
C THR A 186 -3.08 -4.05 0.70
N ALA A 187 -3.63 -3.51 1.81
CA ALA A 187 -4.21 -2.15 1.76
C ALA A 187 -3.16 -1.15 1.28
N CYS A 188 -1.99 -1.23 1.86
CA CYS A 188 -0.94 -0.27 1.50
C CYS A 188 -0.53 -0.38 0.04
N SER A 189 -0.31 -1.61 -0.41
CA SER A 189 0.01 -1.81 -1.82
C SER A 189 -1.06 -1.25 -2.77
N LEU A 190 -2.36 -1.52 -2.54
CA LEU A 190 -3.37 -0.91 -3.33
C LEU A 190 -3.42 0.66 -3.27
N LEU A 191 -3.23 1.23 -2.08
CA LEU A 191 -3.09 2.65 -1.89
C LEU A 191 -1.93 3.18 -2.79
N GLU A 192 -0.77 2.56 -2.66
CA GLU A 192 0.43 2.95 -3.39
C GLU A 192 0.22 2.87 -4.90
N ASN A 193 -0.33 1.76 -5.33
CA ASN A 193 -0.62 1.60 -6.75
C ASN A 193 -1.75 2.43 -7.32
N ASN A 194 -2.46 3.22 -6.51
CA ASN A 194 -3.51 4.05 -7.04
C ASN A 194 -3.11 5.54 -6.96
N ILE A 195 -1.83 5.79 -6.68
CA ILE A 195 -1.24 7.12 -6.74
C ILE A 195 -0.67 7.24 -8.18
N VAL A 196 -1.13 8.21 -8.99
CA VAL A 196 -0.65 8.34 -10.41
C VAL A 196 0.57 9.28 -10.44
N ALA A 197 1.29 9.27 -11.55
CA ALA A 197 2.52 10.04 -11.61
C ALA A 197 2.26 11.51 -11.99
N ALA A 198 1.10 11.81 -12.60
CA ALA A 198 0.75 13.15 -13.12
C ALA A 198 -0.63 13.49 -12.59
N PRO A 199 -0.75 13.71 -11.27
CA PRO A 199 -2.07 13.83 -10.68
C PRO A 199 -2.73 15.15 -11.14
N SER A 200 -4.06 15.18 -11.28
CA SER A 200 -4.81 16.40 -11.40
C SER A 200 -4.87 17.12 -10.05
N GLY A 201 -5.43 18.33 -10.04
CA GLY A 201 -5.61 19.07 -8.79
C GLY A 201 -6.50 18.29 -7.87
N SER A 202 -7.49 17.63 -8.42
CA SER A 202 -8.33 16.81 -7.60
C SER A 202 -7.59 15.56 -6.96
N ASP A 203 -6.83 14.88 -7.77
CA ASP A 203 -5.99 13.80 -7.20
C ASP A 203 -5.07 14.30 -6.08
N ILE A 204 -4.50 15.49 -6.29
CA ILE A 204 -3.60 16.09 -5.31
C ILE A 204 -4.31 16.36 -3.98
N GLU A 205 -5.55 16.81 -4.05
CA GLU A 205 -6.26 17.02 -2.79
C GLU A 205 -6.50 15.67 -2.10
N GLU A 206 -6.80 14.66 -2.87
CA GLU A 206 -6.96 13.28 -2.27
C GLU A 206 -5.65 12.81 -1.65
N TYR A 207 -4.55 13.06 -2.38
CA TYR A 207 -3.21 12.71 -1.88
C TYR A 207 -2.87 13.47 -0.57
N ALA A 208 -3.16 14.77 -0.52
CA ALA A 208 -3.06 15.55 0.71
C ALA A 208 -3.80 14.92 1.89
N GLN A 209 -5.10 14.58 1.69
CA GLN A 209 -5.90 13.90 2.70
C GLN A 209 -5.30 12.66 3.20
N ALA A 210 -4.90 11.77 2.28
CA ALA A 210 -4.34 10.50 2.63
C ALA A 210 -3.02 10.70 3.40
N PHE A 211 -2.18 11.61 2.92
CA PHE A 211 -0.92 11.85 3.62
C PHE A 211 -1.19 12.34 5.10
N GLN A 212 -2.11 13.26 5.25
CA GLN A 212 -2.41 13.74 6.62
C GLN A 212 -2.95 12.57 7.47
N THR A 213 -3.67 11.63 6.84
CA THR A 213 -4.14 10.54 7.62
C THR A 213 -3.03 9.64 8.05
N LEU A 214 -2.16 9.28 7.13
CA LEU A 214 -1.08 8.33 7.45
C LEU A 214 -0.09 9.00 8.38
N ALA A 215 0.12 10.30 8.20
CA ALA A 215 1.10 11.02 9.05
C ALA A 215 0.55 11.13 10.50
N GLY A 216 -0.78 10.97 10.67
CA GLY A 216 -1.46 10.94 11.98
C GLY A 216 -1.52 9.59 12.69
N LEU A 217 -0.93 8.54 12.11
CA LEU A 217 -0.99 7.19 12.68
C LEU A 217 -0.11 7.10 13.93
N SER A 218 -0.27 6.05 14.71
CA SER A 218 0.64 5.85 15.86
C SER A 218 2.11 5.81 15.38
N ARG A 219 3.06 6.13 16.26
CA ARG A 219 4.49 6.08 15.82
C ARG A 219 4.95 4.68 15.36
N GLU A 220 4.38 3.63 15.93
CA GLU A 220 4.56 2.25 15.45
C GLU A 220 4.39 2.05 13.90
N LYS A 221 3.40 2.73 13.33
CA LYS A 221 3.14 2.59 11.91
C LYS A 221 4.24 3.20 11.07
N LEU A 222 5.02 4.07 11.68
CA LEU A 222 6.19 4.57 10.98
C LEU A 222 7.30 3.53 10.87
N THR A 223 7.08 2.32 11.38
CA THR A 223 8.10 1.27 11.21
C THR A 223 7.57 0.22 10.23
N ASN A 224 6.42 0.50 9.63
CA ASN A 224 5.79 -0.52 8.79
C ASN A 224 6.21 -0.18 7.35
N GLU A 225 6.87 -1.11 6.68
CA GLU A 225 7.37 -0.81 5.34
C GLU A 225 6.26 -0.35 4.38
N GLY A 226 5.11 -1.03 4.42
CA GLY A 226 3.95 -0.63 3.55
C GLY A 226 3.55 0.84 3.70
N VAL A 227 3.43 1.26 4.96
CA VAL A 227 3.00 2.62 5.24
C VAL A 227 4.07 3.61 4.80
N LEU A 228 5.34 3.28 5.05
CA LEU A 228 6.39 4.20 4.65
C LEU A 228 6.40 4.36 3.12
N LYS A 229 6.25 3.26 2.36
CA LYS A 229 6.22 3.42 0.92
C LYS A 229 5.06 4.27 0.47
N CYS A 230 3.88 4.12 1.09
CA CYS A 230 2.84 5.06 0.72
C CYS A 230 3.28 6.49 1.00
N LEU A 231 3.86 6.74 2.17
CA LEU A 231 4.23 8.10 2.59
C LEU A 231 5.29 8.68 1.63
N ILE A 232 6.22 7.83 1.24
CA ILE A 232 7.25 8.30 0.26
C ILE A 232 6.55 8.68 -1.09
N LYS A 233 5.78 7.76 -1.63
CA LYS A 233 5.05 7.98 -2.82
C LYS A 233 4.16 9.19 -2.79
N LEU A 234 3.48 9.43 -1.68
CA LEU A 234 2.62 10.63 -1.62
C LEU A 234 3.49 11.90 -1.57
N THR A 235 4.60 11.84 -0.84
CA THR A 235 5.46 12.99 -0.71
C THR A 235 6.33 13.30 -1.93
N ASN A 236 6.25 12.47 -2.99
CA ASN A 236 6.91 12.72 -4.25
C ASN A 236 6.28 13.96 -4.87
N HIS A 237 5.01 14.21 -4.57
CA HIS A 237 4.31 15.40 -5.10
C HIS A 237 4.44 16.48 -4.11
N THR A 238 5.26 17.47 -4.46
CA THR A 238 5.65 18.51 -3.51
C THR A 238 4.45 19.33 -3.11
N THR A 239 3.45 19.45 -3.98
CA THR A 239 2.26 20.17 -3.54
C THR A 239 1.50 19.49 -2.36
N VAL A 240 1.59 18.15 -2.23
CA VAL A 240 1.15 17.41 -1.02
C VAL A 240 1.86 17.89 0.23
N LEU A 241 3.16 18.15 0.12
CA LEU A 241 3.90 18.70 1.26
C LEU A 241 3.42 20.15 1.65
N GLU A 242 3.19 21.02 0.65
CA GLU A 242 2.65 22.37 0.92
C GLU A 242 1.27 22.40 1.54
N LEU A 243 0.39 21.60 0.98
CA LEU A 243 -0.95 21.49 1.58
C LEU A 243 -0.97 20.90 3.01
N SER A 244 0.11 20.21 3.39
CA SER A 244 0.16 19.54 4.71
C SER A 244 1.30 20.07 5.60
N ALA A 245 1.72 21.30 5.34
CA ALA A 245 3.06 21.74 5.83
C ALA A 245 3.13 21.77 7.35
N ASP A 246 2.00 22.03 8.02
CA ASP A 246 1.99 22.23 9.45
C ASP A 246 2.19 20.89 10.22
N LEU A 247 2.00 19.77 9.52
CA LEU A 247 2.27 18.41 10.06
C LEU A 247 3.71 17.92 9.91
N LEU A 248 4.52 18.62 9.13
CA LEU A 248 5.84 18.05 8.73
C LEU A 248 6.90 17.95 9.85
N PRO A 249 6.98 18.98 10.74
CA PRO A 249 7.99 18.87 11.78
C PRO A 249 7.67 17.71 12.68
N SER A 250 6.38 17.45 12.93
CA SER A 250 6.03 16.34 13.77
C SER A 250 6.45 14.99 13.13
N LEU A 251 6.11 14.82 11.87
CA LEU A 251 6.56 13.60 11.21
C LEU A 251 8.13 13.50 11.26
N VAL A 252 8.82 14.53 10.85
CA VAL A 252 10.26 14.57 10.96
C VAL A 252 10.76 14.16 12.36
N ARG A 253 10.16 14.67 13.49
CA ARG A 253 10.67 14.22 14.81
C ARG A 253 10.61 12.74 14.94
N SER A 254 9.40 12.16 14.70
CA SER A 254 9.20 10.73 14.77
C SER A 254 10.21 9.96 13.97
N LEU A 255 10.38 10.35 12.72
CA LEU A 255 11.31 9.66 11.85
C LEU A 255 12.74 9.85 12.39
N ALA A 256 13.09 11.09 12.81
CA ALA A 256 14.49 11.28 13.26
C ALA A 256 14.77 10.46 14.60
N MET A 257 13.75 10.15 15.37
CA MET A 257 14.02 9.48 16.63
C MET A 257 14.17 8.00 16.36
N SER A 258 13.23 7.50 15.58
CA SER A 258 13.41 6.19 15.00
C SER A 258 14.80 5.90 14.33
N VAL A 259 15.26 6.79 13.49
CA VAL A 259 16.59 6.58 12.91
C VAL A 259 17.65 6.57 14.03
N GLN A 260 17.53 7.53 14.96
CA GLN A 260 18.45 7.60 16.11
C GLN A 260 18.39 6.34 16.98
N LEU A 261 17.22 5.72 17.10
CA LEU A 261 17.06 4.53 17.87
C LEU A 261 17.92 3.42 17.25
N HIS A 262 18.10 3.42 15.92
CA HIS A 262 18.72 2.27 15.25
C HIS A 262 19.99 2.72 14.65
N GLN A 263 20.60 3.72 15.26
CA GLN A 263 21.78 4.32 14.64
C GLN A 263 22.97 3.35 14.50
N ASN A 264 23.07 2.38 15.41
CA ASN A 264 24.02 1.26 15.34
C ASN A 264 24.00 0.51 14.01
N ASN A 265 22.84 0.55 13.33
CA ASN A 265 22.66 -0.10 12.04
C ASN A 265 22.98 0.75 10.83
N ILE A 266 23.31 2.03 11.03
CA ILE A 266 23.63 2.96 9.91
C ILE A 266 25.01 2.70 9.31
N VAL A 267 26.02 2.59 10.15
CA VAL A 267 27.37 2.43 9.61
C VAL A 267 27.53 1.02 9.08
N SER A 268 27.18 0.05 9.93
CA SER A 268 27.22 -1.34 9.58
C SER A 268 25.92 -1.98 10.04
N SER A 269 25.50 -3.06 9.35
CA SER A 269 24.25 -3.82 9.69
C SER A 269 24.23 -5.22 9.07
N ILE A 270 23.76 -6.18 9.86
CA ILE A 270 23.59 -7.56 9.42
C ILE A 270 22.06 -7.89 9.47
N SER A 271 21.22 -6.84 9.48
CA SER A 271 19.77 -6.99 9.57
C SER A 271 19.16 -6.42 8.27
N GLU A 272 18.44 -7.26 7.53
CA GLU A 272 17.76 -6.84 6.31
C GLU A 272 16.59 -6.01 6.72
N ILE A 273 15.89 -6.45 7.75
CA ILE A 273 14.72 -5.71 8.20
C ILE A 273 15.17 -4.31 8.69
N LYS A 274 16.24 -4.25 9.49
CA LYS A 274 16.55 -2.95 10.00
C LYS A 274 17.10 -2.01 8.88
N THR A 275 17.72 -2.57 7.86
CA THR A 275 18.40 -1.79 6.86
C THR A 275 17.40 -1.17 5.90
N ASN A 276 16.52 -2.00 5.34
CA ASN A 276 15.43 -1.52 4.56
C ASN A 276 14.54 -0.50 5.24
N LEU A 277 14.27 -0.72 6.51
CA LEU A 277 13.56 0.23 7.32
C LEU A 277 14.28 1.58 7.43
N LEU A 278 15.59 1.54 7.69
CA LEU A 278 16.28 2.79 7.80
C LEU A 278 16.29 3.44 6.44
N ILE A 279 16.51 2.64 5.37
CA ILE A 279 16.55 3.26 4.03
C ILE A 279 15.19 3.94 3.74
N LEU A 280 14.09 3.24 4.03
CA LEU A 280 12.79 3.84 3.74
C LEU A 280 12.47 5.11 4.66
N GLN A 281 12.78 5.03 5.98
CA GLN A 281 12.64 6.23 6.77
C GLN A 281 13.53 7.40 6.30
N LEU A 282 14.77 7.12 5.89
CA LEU A 282 15.63 8.19 5.35
C LEU A 282 15.10 8.71 4.00
N GLY A 283 14.64 7.81 3.14
CA GLY A 283 14.03 8.20 1.87
C GLY A 283 12.85 9.10 2.20
N LEU A 284 12.08 8.77 3.24
CA LEU A 284 10.93 9.65 3.54
C LEU A 284 11.40 11.02 4.10
N LEU A 285 12.32 10.99 5.10
CA LEU A 285 13.02 12.20 5.48
C LEU A 285 13.49 13.07 4.26
N LEU A 286 14.19 12.45 3.34
CA LEU A 286 14.76 13.13 2.17
C LEU A 286 13.68 13.86 1.35
N ASN A 287 12.56 13.15 1.12
CA ASN A 287 11.42 13.70 0.44
C ASN A 287 10.96 14.97 1.16
N ILE A 288 10.96 14.95 2.48
CA ILE A 288 10.39 16.12 3.23
C ILE A 288 11.48 17.19 3.33
N VAL A 289 12.69 16.79 3.79
CA VAL A 289 13.67 17.82 4.13
C VAL A 289 14.32 18.54 2.94
N SER A 290 14.39 17.90 1.74
CA SER A 290 14.92 18.56 0.54
C SER A 290 13.90 19.55 -0.03
N GLU A 291 12.64 19.47 0.41
CA GLU A 291 11.61 20.35 -0.17
C GLU A 291 11.11 21.37 0.87
N ALA A 292 11.25 21.10 2.14
CA ALA A 292 10.64 22.01 3.17
C ALA A 292 11.71 22.42 4.10
N THR A 293 12.34 23.57 3.84
CA THR A 293 13.51 23.97 4.65
C THR A 293 13.11 24.24 6.14
N THR A 294 11.86 24.68 6.35
CA THR A 294 11.34 24.82 7.71
C THR A 294 11.38 23.45 8.46
N ALA A 295 10.85 22.39 7.82
CA ALA A 295 10.94 20.99 8.37
C ALA A 295 12.37 20.40 8.48
N ALA A 296 13.23 20.74 7.53
CA ALA A 296 14.68 20.35 7.58
C ALA A 296 15.40 20.86 8.88
N SER A 297 14.90 21.95 9.45
CA SER A 297 15.52 22.51 10.65
C SER A 297 14.87 22.08 11.93
N THR A 298 13.88 21.17 11.85
CA THR A 298 13.30 20.59 13.07
C THR A 298 14.45 20.16 13.98
N GLU A 299 14.41 20.59 15.25
CA GLU A 299 15.51 20.29 16.20
C GLU A 299 15.97 18.83 16.34
N GLU A 300 15.07 17.85 16.42
CA GLU A 300 15.57 16.43 16.59
C GLU A 300 16.36 15.93 15.38
N LEU A 301 16.14 16.51 14.19
CA LEU A 301 16.85 16.03 13.02
C LEU A 301 18.33 16.50 13.15
N THR A 302 18.52 17.62 13.84
CA THR A 302 19.87 18.13 14.05
C THR A 302 20.64 17.25 15.06
N ASN A 303 19.95 16.41 15.82
CA ASN A 303 20.66 15.43 16.65
C ASN A 303 21.25 14.34 15.82
N PHE A 304 21.01 14.38 14.51
CA PHE A 304 21.78 13.52 13.59
C PHE A 304 23.27 14.03 13.64
N GLY A 305 23.48 15.26 14.15
CA GLY A 305 24.84 15.79 14.44
C GLY A 305 25.78 14.77 15.09
N ALA A 306 25.28 14.13 16.15
CA ALA A 306 26.04 13.14 16.93
C ALA A 306 26.59 12.05 16.04
N VAL A 307 25.71 11.45 15.29
CA VAL A 307 26.07 10.32 14.43
C VAL A 307 27.09 10.71 13.35
N PHE A 308 26.88 11.85 12.69
CA PHE A 308 27.81 12.28 11.68
C PHE A 308 29.21 12.46 12.31
N ARG A 309 29.27 12.98 13.53
CA ARG A 309 30.57 13.14 14.25
C ARG A 309 31.29 11.80 14.42
N SER A 310 30.56 10.80 14.92
CA SER A 310 31.04 9.41 15.01
C SER A 310 31.70 8.94 13.75
N VAL A 311 30.98 9.11 12.64
CA VAL A 311 31.41 8.64 11.34
C VAL A 311 32.66 9.41 10.85
N PHE A 312 32.67 10.71 11.11
CA PHE A 312 33.75 11.57 10.63
C PHE A 312 35.07 11.23 11.35
N VAL A 313 34.98 11.02 12.67
CA VAL A 313 36.16 10.78 13.49
C VAL A 313 36.78 9.47 13.07
N LYS A 314 36.01 8.41 13.15
CA LYS A 314 36.49 7.09 12.81
C LYS A 314 36.03 6.88 11.40
N LYS A 315 36.76 7.41 10.42
CA LYS A 315 36.46 7.28 8.99
C LYS A 315 36.29 5.80 8.62
N PRO A 316 35.47 5.47 7.60
CA PRO A 316 35.57 4.08 7.13
C PRO A 316 35.90 4.00 5.63
N THR A 317 36.61 2.97 5.17
CA THR A 317 37.01 3.02 3.74
C THR A 317 35.77 2.67 2.95
N GLU A 318 34.86 1.95 3.62
CA GLU A 318 33.63 1.44 3.01
C GLU A 318 32.39 2.23 3.42
N MET A 319 31.67 2.76 2.43
CA MET A 319 30.44 3.49 2.72
C MET A 319 29.22 2.78 2.09
N SER A 320 28.33 2.24 2.90
CA SER A 320 27.10 1.61 2.40
C SER A 320 26.09 2.66 1.97
N PHE A 321 25.16 2.26 1.14
CA PHE A 321 24.06 3.11 0.71
C PHE A 321 23.37 3.78 1.93
N VAL A 322 23.07 3.01 2.97
CA VAL A 322 22.39 3.63 4.11
C VAL A 322 23.15 4.78 4.75
N LEU A 323 24.48 4.61 4.97
CA LEU A 323 25.26 5.70 5.49
C LEU A 323 25.31 6.89 4.53
N GLN A 324 25.43 6.64 3.24
CA GLN A 324 25.40 7.74 2.26
C GLN A 324 24.13 8.53 2.29
N LEU A 325 23.03 7.80 2.41
CA LEU A 325 21.72 8.42 2.47
C LEU A 325 21.63 9.22 3.79
N PHE A 326 22.14 8.66 4.88
CA PHE A 326 22.08 9.38 6.14
C PHE A 326 22.80 10.72 6.03
N LEU A 327 23.95 10.71 5.36
CA LEU A 327 24.78 11.92 5.28
C LEU A 327 24.11 12.99 4.41
N LEU A 328 23.46 12.55 3.33
CA LEU A 328 22.71 13.45 2.49
C LEU A 328 21.59 14.09 3.31
N VAL A 329 20.85 13.28 4.07
CA VAL A 329 19.72 13.83 4.79
C VAL A 329 20.29 14.81 5.85
N TYR A 330 21.36 14.38 6.53
CA TYR A 330 22.10 15.26 7.46
C TYR A 330 22.55 16.63 6.84
N ALA A 331 23.13 16.62 5.67
CA ALA A 331 23.58 17.85 4.99
C ALA A 331 22.40 18.81 4.84
N TYR A 332 21.20 18.27 4.53
CA TYR A 332 19.98 19.11 4.47
C TYR A 332 19.61 19.68 5.83
N SER A 333 19.74 18.86 6.86
CA SER A 333 19.41 19.31 8.21
C SER A 333 20.39 20.43 8.68
N ALA A 334 21.67 20.09 8.70
CA ALA A 334 22.72 21.06 8.96
C ALA A 334 22.51 22.39 8.23
N GLY A 335 22.29 22.37 6.92
CA GLY A 335 22.13 23.59 6.15
C GLY A 335 20.98 24.44 6.62
N ALA A 336 19.80 23.82 6.84
CA ALA A 336 18.60 24.57 7.27
C ALA A 336 18.70 25.16 8.68
N ALA A 337 19.33 24.41 9.62
CA ALA A 337 19.47 24.87 11.01
C ALA A 337 20.61 25.90 11.18
N GLY A 338 21.31 26.20 10.09
CA GLY A 338 22.47 27.10 10.12
C GLY A 338 23.68 26.50 10.84
N VAL A 339 23.80 25.17 10.84
CA VAL A 339 25.00 24.54 11.35
C VAL A 339 26.15 24.90 10.42
N GLN A 340 27.27 25.28 11.02
CA GLN A 340 28.52 25.53 10.31
C GLN A 340 29.52 24.46 10.73
N LEU A 341 29.94 23.70 9.73
CA LEU A 341 30.82 22.58 9.99
C LEU A 341 32.22 23.18 9.77
N PRO A 342 33.16 22.87 10.68
CA PRO A 342 34.58 23.30 10.48
C PRO A 342 35.05 22.71 9.16
N PRO A 343 36.13 23.29 8.53
CA PRO A 343 36.60 22.86 7.21
C PRO A 343 36.86 21.34 6.95
N ALA A 344 37.36 20.60 7.95
CA ALA A 344 37.55 19.13 7.89
C ALA A 344 36.21 18.41 7.74
N GLU A 345 35.29 18.70 8.65
CA GLU A 345 33.94 18.12 8.62
C GLU A 345 33.19 18.38 7.28
N ALA A 346 33.17 19.65 6.84
CA ALA A 346 32.57 20.06 5.54
C ALA A 346 33.19 19.34 4.34
N ASP A 347 34.54 19.25 4.29
CA ASP A 347 35.19 18.59 3.18
C ASP A 347 34.95 17.06 3.14
N PHE A 348 34.89 16.41 4.31
CA PHE A 348 34.55 14.97 4.37
C PHE A 348 33.13 14.72 3.80
N LEU A 349 32.21 15.59 4.18
CA LEU A 349 30.80 15.48 3.79
C LEU A 349 30.67 15.71 2.27
N LYS A 350 31.25 16.83 1.79
CA LYS A 350 31.21 17.23 0.38
C LYS A 350 31.75 16.10 -0.42
N SER A 351 32.84 15.53 0.07
CA SER A 351 33.56 14.48 -0.62
C SER A 351 32.84 13.11 -0.65
N GLU A 352 32.19 12.75 0.43
CA GLU A 352 31.41 11.50 0.46
C GLU A 352 30.12 11.69 -0.39
N LEU A 353 29.57 12.89 -0.38
CA LEU A 353 28.39 13.21 -1.17
C LEU A 353 28.68 13.14 -2.67
N GLU A 354 29.89 13.59 -3.08
CA GLU A 354 30.27 13.54 -4.51
C GLU A 354 30.45 12.10 -5.00
N ALA A 355 31.08 11.27 -4.19
CA ALA A 355 31.17 9.87 -4.50
C ALA A 355 29.76 9.19 -4.61
N PHE A 356 28.86 9.50 -3.70
CA PHE A 356 27.44 8.96 -3.72
C PHE A 356 26.75 9.40 -5.00
N ALA A 357 27.00 10.65 -5.43
CA ALA A 357 26.48 11.16 -6.70
C ALA A 357 26.93 10.37 -7.93
N THR A 358 28.19 9.92 -7.93
CA THR A 358 28.68 9.15 -9.02
C THR A 358 28.05 7.79 -9.04
N ASP A 359 27.82 7.18 -7.86
CA ASP A 359 27.09 5.88 -7.81
C ASP A 359 25.68 6.03 -8.32
N VAL A 360 24.92 6.94 -7.71
CA VAL A 360 23.48 7.02 -7.99
C VAL A 360 23.12 7.60 -9.35
N SER A 361 24.07 8.27 -9.99
CA SER A 361 23.69 9.01 -11.22
C SER A 361 23.08 8.10 -12.28
N SER A 362 23.49 6.83 -12.37
CA SER A 362 22.90 6.03 -13.49
C SER A 362 21.59 5.36 -13.10
N TYR A 363 21.24 5.38 -11.82
CA TYR A 363 20.01 4.62 -11.38
C TYR A 363 18.96 5.37 -10.55
N ASN A 364 19.30 6.54 -9.99
CA ASN A 364 18.32 7.32 -9.24
C ASN A 364 18.61 8.83 -9.46
N HIS A 365 18.05 9.36 -10.55
CA HIS A 365 18.22 10.75 -10.92
C HIS A 365 17.70 11.65 -9.81
N ASN A 366 16.67 11.21 -9.10
CA ASN A 366 16.10 12.00 -7.98
C ASN A 366 17.11 12.23 -6.84
N ILE A 367 17.72 11.15 -6.37
CA ILE A 367 18.78 11.30 -5.36
C ILE A 367 19.98 12.13 -5.91
N HIS A 368 20.44 11.85 -7.13
CA HIS A 368 21.61 12.55 -7.68
C HIS A 368 21.38 14.05 -7.63
N THR A 369 20.17 14.40 -7.95
CA THR A 369 19.71 15.74 -8.24
C THR A 369 19.64 16.45 -6.84
N ARG A 370 19.25 15.69 -5.81
CA ARG A 370 19.26 16.22 -4.45
C ARG A 370 20.63 16.41 -3.84
N ILE A 371 21.55 15.54 -4.23
CA ILE A 371 22.92 15.64 -3.83
C ILE A 371 23.52 16.91 -4.47
N THR A 372 23.37 17.07 -5.78
CA THR A 372 23.88 18.24 -6.49
C THR A 372 23.48 19.55 -5.83
N ARG A 373 22.16 19.70 -5.62
CA ARG A 373 21.56 20.84 -4.96
C ARG A 373 22.27 21.18 -3.63
N VAL A 374 22.50 20.15 -2.82
CA VAL A 374 23.09 20.28 -1.49
C VAL A 374 24.58 20.63 -1.63
N LEU A 375 25.29 20.05 -2.61
CA LEU A 375 26.70 20.33 -2.76
C LEU A 375 26.97 21.82 -3.12
N GLU A 376 25.94 22.52 -3.56
CA GLU A 376 26.10 23.94 -3.88
C GLU A 376 26.30 24.76 -2.63
N THR A 377 25.96 24.20 -1.48
CA THR A 377 26.16 24.91 -0.23
C THR A 377 27.42 24.41 0.55
N LEU A 378 28.33 23.71 -0.13
CA LEU A 378 29.51 23.11 0.53
C LEU A 378 30.87 23.57 -0.01
N GLN B 18 18.78 -7.00 -8.96
CA GLN B 18 18.48 -7.69 -7.66
C GLN B 18 17.53 -6.86 -6.74
N ASN B 19 16.93 -7.53 -5.73
CA ASN B 19 15.95 -6.91 -4.81
C ASN B 19 16.56 -6.28 -3.58
N ARG B 20 17.18 -5.13 -3.74
CA ARG B 20 17.70 -4.37 -2.60
C ARG B 20 16.97 -3.02 -2.64
N GLU B 21 16.63 -2.46 -1.49
CA GLU B 21 15.88 -1.20 -1.48
C GLU B 21 16.84 -0.07 -1.93
N ARG B 22 16.53 0.56 -3.03
CA ARG B 22 17.39 1.68 -3.47
C ARG B 22 16.56 2.90 -3.84
N LEU B 23 15.34 2.93 -3.26
CA LEU B 23 14.48 4.07 -3.37
C LEU B 23 14.05 4.45 -4.81
N GLN B 24 13.91 3.50 -5.73
CA GLN B 24 13.42 3.87 -7.10
C GLN B 24 11.99 4.50 -7.03
N LEU B 25 11.22 4.09 -5.99
CA LEU B 25 9.95 4.74 -5.55
C LEU B 25 9.96 6.29 -5.61
N LEU B 26 11.09 6.93 -5.30
CA LEU B 26 11.19 8.37 -5.38
C LEU B 26 10.94 8.97 -6.77
N GLU B 27 10.98 8.09 -7.79
CA GLU B 27 10.88 8.49 -9.20
C GLU B 27 9.57 8.10 -9.88
N GLU B 28 8.53 7.79 -9.08
CA GLU B 28 7.13 7.60 -9.61
C GLU B 28 5.96 8.37 -8.94
#